data_3TVK
#
_entry.id   3TVK
#
_cell.length_a   79.623
_cell.length_b   79.623
_cell.length_c   51.207
_cell.angle_alpha   90.00
_cell.angle_beta   90.00
_cell.angle_gamma   120.00
#
_symmetry.space_group_name_H-M   'P 62'
#
loop_
_entity.id
_entity.type
_entity.pdbx_description
1 polymer 'Diguanylate cyclase DgcZ'
2 non-polymer "9,9'-[(2R,3R,3aS,5S,7aR,9R,10R,10aS,12S,14aR)-3,5,10,12-tetrahydroxy-5,12-dioxidooctahydro-2H,7H-difuro[3,2-d:3',2'-j][1,3,7,9,2,8]tetraoxadiphosphacyclododecine-2,9-diyl]bis(2-amino-1,9-dihydro-6H-purin-6-one)"
3 non-polymer 'MAGNESIUM ION'
4 non-polymer 'D(-)-TARTARIC ACID'
5 water water
#
_entity_poly.entity_id   1
_entity_poly.type   'polypeptide(L)'
_entity_poly.pdbx_seq_one_letter_code
;AIRSNMDVLTGLPGRRVLDESFDHQLRNAEPLNLYLMLLDIDRFKLVNDTYGHLIGDVVLRTLATYLASWTRDYETVYRY
GGEEFIIIVKAANDEEACRAGVRICQLVDNHAITHSEGHINITVTAGVSRAFPEEPLDVVIGRADRAMYEGKQTGRNRCM
FIDEQNVINRVLEHHHHHH
;
_entity_poly.pdbx_strand_id   A
#
# COMPACT_ATOMS: atom_id res chain seq x y z
N ALA A 1 -12.87 24.82 -2.14
CA ALA A 1 -11.63 24.91 -2.95
C ALA A 1 -11.32 23.57 -3.62
N ILE A 2 -10.44 23.62 -4.62
CA ILE A 2 -9.99 22.43 -5.33
C ILE A 2 -8.51 22.17 -5.00
N ARG A 3 -8.24 21.06 -4.33
CA ARG A 3 -6.89 20.71 -3.90
C ARG A 3 -6.53 19.35 -4.49
N SER A 4 -6.00 19.39 -5.70
CA SER A 4 -5.74 18.17 -6.49
C SER A 4 -4.66 17.28 -5.88
N ASN A 5 -3.87 17.83 -4.96
CA ASN A 5 -2.80 17.06 -4.34
C ASN A 5 -3.21 16.39 -3.03
N MET A 6 -4.52 16.36 -2.75
CA MET A 6 -5.05 15.74 -1.54
C MET A 6 -6.34 15.00 -1.85
N ASP A 7 -6.42 13.75 -1.40
CA ASP A 7 -7.65 12.98 -1.38
C ASP A 7 -8.57 13.56 -0.31
N VAL A 8 -9.76 14.00 -0.70
CA VAL A 8 -10.66 14.65 0.27
C VAL A 8 -11.09 13.73 1.42
N LEU A 9 -11.36 12.46 1.11
CA LEU A 9 -11.84 11.54 2.15
C LEU A 9 -10.77 11.28 3.20
N THR A 10 -9.59 10.82 2.77
CA THR A 10 -8.55 10.39 3.70
C THR A 10 -7.56 11.46 4.11
N GLY A 11 -7.47 12.53 3.30
CA GLY A 11 -6.46 13.57 3.50
C GLY A 11 -5.07 13.22 2.98
N LEU A 12 -4.88 12.00 2.49
CA LEU A 12 -3.59 11.60 1.95
C LEU A 12 -3.38 12.19 0.57
N PRO A 13 -2.11 12.33 0.15
CA PRO A 13 -1.88 12.64 -1.25
C PRO A 13 -2.43 11.53 -2.14
N GLY A 14 -2.94 11.89 -3.30
CA GLY A 14 -3.57 10.92 -4.19
C GLY A 14 -2.70 10.50 -5.36
N ARG A 15 -3.33 9.80 -6.30
CA ARG A 15 -2.70 9.30 -7.50
C ARG A 15 -1.88 10.36 -8.22
N ARG A 16 -2.47 11.54 -8.42
CA ARG A 16 -1.79 12.59 -9.18
C ARG A 16 -0.46 13.01 -8.56
N VAL A 17 -0.41 13.09 -7.22
CA VAL A 17 0.84 13.46 -6.54
C VAL A 17 1.95 12.44 -6.81
N LEU A 18 1.64 11.15 -6.70
CA LEU A 18 2.62 10.10 -7.03
C LEU A 18 3.02 10.12 -8.49
N ASP A 19 2.03 10.15 -9.39
CA ASP A 19 2.29 10.15 -10.84
C ASP A 19 3.23 11.29 -11.20
N GLU A 20 2.97 12.48 -10.65
CA GLU A 20 3.77 13.67 -10.99
C GLU A 20 5.18 13.71 -10.39
N SER A 21 5.37 13.04 -9.26
CA SER A 21 6.62 13.07 -8.51
C SER A 21 7.46 11.81 -8.64
N PHE A 22 6.93 10.73 -9.20
CA PHE A 22 7.65 9.45 -9.12
C PHE A 22 9.03 9.49 -9.76
N ASP A 23 9.11 10.06 -10.97
CA ASP A 23 10.38 10.07 -11.69
C ASP A 23 11.46 10.78 -10.88
N HIS A 24 11.10 11.91 -10.28
CA HIS A 24 11.99 12.67 -9.39
C HIS A 24 12.43 11.85 -8.18
N GLN A 25 11.46 11.19 -7.54
CA GLN A 25 11.78 10.36 -6.38
C GLN A 25 12.77 9.26 -6.74
N LEU A 26 12.53 8.59 -7.87
CA LEU A 26 13.38 7.48 -8.31
C LEU A 26 14.80 7.98 -8.65
N ARG A 27 14.89 9.10 -9.38
CA ARG A 27 16.19 9.71 -9.68
C ARG A 27 17.01 10.07 -8.46
N ASN A 28 16.33 10.47 -7.39
CA ASN A 28 16.98 10.93 -6.18
C ASN A 28 17.00 9.91 -5.05
N ALA A 29 16.65 8.65 -5.35
CA ALA A 29 16.74 7.60 -4.33
C ALA A 29 18.19 7.24 -3.99
N GLU A 30 19.07 7.28 -4.99
CA GLU A 30 20.48 6.91 -4.77
C GLU A 30 21.07 7.69 -3.60
N PRO A 31 21.90 7.04 -2.76
CA PRO A 31 22.46 5.70 -2.89
C PRO A 31 21.56 4.53 -2.41
N LEU A 32 20.31 4.84 -2.06
CA LEU A 32 19.36 3.79 -1.64
C LEU A 32 18.58 3.26 -2.84
N ASN A 33 17.98 2.09 -2.65
CA ASN A 33 17.05 1.51 -3.60
C ASN A 33 15.66 2.01 -3.26
N LEU A 34 14.85 2.28 -4.28
CA LEU A 34 13.45 2.65 -4.07
C LEU A 34 12.58 1.40 -4.30
N TYR A 35 11.61 1.20 -3.43
CA TYR A 35 10.63 0.12 -3.55
C TYR A 35 9.23 0.71 -3.50
N LEU A 36 8.32 0.06 -4.23
CA LEU A 36 6.92 0.42 -4.21
C LEU A 36 6.12 -0.69 -3.52
N MET A 37 5.37 -0.31 -2.49
CA MET A 37 4.49 -1.22 -1.78
C MET A 37 3.04 -0.87 -2.10
N LEU A 38 2.35 -1.81 -2.71
CA LEU A 38 0.95 -1.65 -3.05
C LEU A 38 0.13 -2.46 -2.04
N LEU A 39 -0.86 -1.81 -1.41
CA LEU A 39 -1.70 -2.43 -0.37
C LEU A 39 -3.17 -2.30 -0.78
N ASP A 40 -3.89 -3.41 -0.72
CA ASP A 40 -5.34 -3.43 -0.98
CA ASP A 40 -5.33 -3.41 -0.99
C ASP A 40 -6.07 -3.99 0.21
N ILE A 41 -7.15 -3.32 0.59
CA ILE A 41 -7.98 -3.78 1.70
C ILE A 41 -8.66 -5.07 1.26
N ASP A 42 -8.58 -6.08 2.11
CA ASP A 42 -9.13 -7.39 1.77
C ASP A 42 -10.65 -7.39 1.88
N ARG A 43 -11.30 -7.93 0.84
CA ARG A 43 -12.75 -8.08 0.79
C ARG A 43 -13.46 -6.80 1.22
N PHE A 44 -12.99 -5.67 0.69
CA PHE A 44 -13.55 -4.39 1.07
C PHE A 44 -14.98 -4.20 0.54
N LYS A 45 -15.26 -4.69 -0.67
CA LYS A 45 -16.61 -4.60 -1.21
C LYS A 45 -17.60 -5.18 -0.20
N LEU A 46 -17.24 -6.33 0.38
CA LEU A 46 -18.07 -6.99 1.40
C LEU A 46 -18.31 -6.15 2.66
N VAL A 47 -17.29 -5.39 3.07
CA VAL A 47 -17.44 -4.47 4.19
C VAL A 47 -18.51 -3.44 3.89
N ASN A 48 -18.45 -2.83 2.71
CA ASN A 48 -19.47 -1.86 2.29
C ASN A 48 -20.87 -2.46 2.17
N ASP A 49 -20.96 -3.66 1.59
CA ASP A 49 -22.25 -4.33 1.41
C ASP A 49 -22.88 -4.68 2.76
N THR A 50 -22.03 -5.09 3.71
CA THR A 50 -22.49 -5.45 5.05
C THR A 50 -22.87 -4.26 5.92
N TYR A 51 -21.94 -3.31 6.05
CA TYR A 51 -22.09 -2.21 7.01
C TYR A 51 -22.58 -0.89 6.41
N GLY A 52 -22.57 -0.79 5.08
CA GLY A 52 -22.92 0.47 4.40
C GLY A 52 -21.68 1.29 4.13
N HIS A 53 -21.80 2.22 3.18
CA HIS A 53 -20.66 2.99 2.70
C HIS A 53 -20.14 4.03 3.71
N LEU A 54 -20.99 4.46 4.63
CA LEU A 54 -20.57 5.39 5.66
C LEU A 54 -19.51 4.75 6.55
N ILE A 55 -19.72 3.47 6.88
CA ILE A 55 -18.77 2.70 7.68
C ILE A 55 -17.52 2.36 6.86
N GLY A 56 -17.72 2.03 5.58
CA GLY A 56 -16.60 1.91 4.66
C GLY A 56 -15.71 3.15 4.65
N ASP A 57 -16.32 4.33 4.70
CA ASP A 57 -15.56 5.60 4.73
C ASP A 57 -14.72 5.70 6.02
N VAL A 58 -15.28 5.25 7.12
CA VAL A 58 -14.56 5.21 8.40
C VAL A 58 -13.36 4.28 8.30
N VAL A 59 -13.57 3.09 7.72
CA VAL A 59 -12.46 2.18 7.50
C VAL A 59 -11.34 2.87 6.69
N LEU A 60 -11.69 3.50 5.56
CA LEU A 60 -10.67 4.17 4.72
C LEU A 60 -9.95 5.30 5.46
N ARG A 61 -10.70 6.16 6.13
CA ARG A 61 -10.10 7.27 6.88
C ARG A 61 -9.17 6.78 7.99
N THR A 62 -9.62 5.77 8.72
CA THR A 62 -8.85 5.23 9.85
C THR A 62 -7.61 4.49 9.35
N LEU A 63 -7.75 3.68 8.31
CA LEU A 63 -6.59 2.98 7.78
C LEU A 63 -5.54 3.97 7.30
N ALA A 64 -5.98 5.07 6.66
CA ALA A 64 -5.08 6.10 6.16
C ALA A 64 -4.28 6.70 7.31
N THR A 65 -4.99 7.02 8.40
CA THR A 65 -4.38 7.56 9.60
C THR A 65 -3.39 6.56 10.21
N TYR A 66 -3.80 5.29 10.27
CA TYR A 66 -2.93 4.21 10.79
C TYR A 66 -1.64 4.10 9.98
N LEU A 67 -1.77 4.02 8.66
CA LEU A 67 -0.61 3.87 7.80
C LEU A 67 0.34 5.03 7.94
N ALA A 68 -0.22 6.24 8.02
CA ALA A 68 0.59 7.43 8.19
C ALA A 68 1.37 7.36 9.50
N SER A 69 0.75 6.83 10.53
CA SER A 69 1.37 6.73 11.84
C SER A 69 2.38 5.58 11.94
N TRP A 70 2.35 4.65 10.97
CA TRP A 70 3.19 3.47 10.99
C TRP A 70 4.31 3.50 9.97
N THR A 71 4.50 4.64 9.31
CA THR A 71 5.53 4.81 8.32
C THR A 71 6.46 5.98 8.69
N ARG A 72 7.70 5.88 8.24
CA ARG A 72 8.68 6.95 8.42
C ARG A 72 8.30 8.19 7.59
N ASP A 73 8.73 9.40 7.98
CA ASP A 73 8.27 10.64 7.30
C ASP A 73 8.67 10.81 5.84
N TYR A 74 9.80 10.23 5.46
CA TYR A 74 10.30 10.33 4.08
C TYR A 74 9.75 9.24 3.16
N GLU A 75 8.85 8.42 3.69
CA GLU A 75 8.23 7.33 2.96
C GLU A 75 6.72 7.62 2.93
N THR A 76 6.29 8.18 1.82
CA THR A 76 4.97 8.77 1.70
C THR A 76 3.95 7.67 1.48
N VAL A 77 2.82 7.80 2.16
CA VAL A 77 1.63 6.98 1.95
C VAL A 77 0.64 7.76 1.05
N TYR A 78 0.22 7.11 -0.04
CA TYR A 78 -0.75 7.68 -0.96
C TYR A 78 -2.01 6.84 -0.96
N ARG A 79 -3.16 7.49 -1.12
CA ARG A 79 -4.36 6.75 -1.53
C ARG A 79 -4.37 6.71 -3.04
N TYR A 80 -4.05 5.56 -3.61
CA TYR A 80 -3.85 5.46 -5.05
C TYR A 80 -5.15 5.15 -5.80
N GLY A 81 -6.02 4.38 -5.15
CA GLY A 81 -7.33 4.06 -5.72
C GLY A 81 -8.36 3.90 -4.63
N GLY A 82 -9.55 3.44 -5.03
CA GLY A 82 -10.68 3.34 -4.13
C GLY A 82 -10.40 2.53 -2.87
N GLU A 83 -9.75 1.38 -3.03
CA GLU A 83 -9.42 0.50 -1.90
C GLU A 83 -7.91 0.24 -1.79
N GLU A 84 -7.12 1.08 -2.45
CA GLU A 84 -5.69 0.83 -2.68
C GLU A 84 -4.82 1.96 -2.16
N PHE A 85 -3.77 1.58 -1.43
CA PHE A 85 -2.76 2.54 -0.95
C PHE A 85 -1.40 2.18 -1.51
N ILE A 86 -0.54 3.19 -1.65
CA ILE A 86 0.83 2.96 -2.04
C ILE A 86 1.77 3.63 -1.03
N ILE A 87 2.79 2.89 -0.64
CA ILE A 87 3.85 3.44 0.19
C ILE A 87 5.18 3.33 -0.57
N ILE A 88 5.89 4.46 -0.68
CA ILE A 88 7.17 4.50 -1.37
C ILE A 88 8.29 4.37 -0.33
N VAL A 89 9.03 3.27 -0.39
CA VAL A 89 10.03 2.94 0.61
C VAL A 89 11.41 3.08 -0.01
N LYS A 90 12.35 3.68 0.74
CA LYS A 90 13.75 3.68 0.35
C LYS A 90 14.53 2.83 1.35
N ALA A 91 15.32 1.90 0.83
CA ALA A 91 15.99 0.91 1.67
C ALA A 91 17.27 0.42 1.03
N ALA A 92 18.13 -0.18 1.85
CA ALA A 92 19.44 -0.62 1.39
C ALA A 92 19.38 -1.89 0.56
N ASN A 93 18.35 -2.70 0.77
CA ASN A 93 18.25 -4.00 0.14
C ASN A 93 16.82 -4.53 0.17
N ASP A 94 16.58 -5.65 -0.51
CA ASP A 94 15.23 -6.18 -0.64
C ASP A 94 14.64 -6.63 0.71
N GLU A 95 15.51 -7.14 1.59
CA GLU A 95 15.05 -7.68 2.87
C GLU A 95 14.45 -6.57 3.73
N GLU A 96 15.08 -5.41 3.73
CA GLU A 96 14.62 -4.26 4.50
C GLU A 96 13.27 -3.76 3.99
N ALA A 97 13.13 -3.68 2.67
CA ALA A 97 11.87 -3.26 2.06
C ALA A 97 10.75 -4.25 2.41
N CYS A 98 11.07 -5.54 2.33
CA CYS A 98 10.11 -6.57 2.66
C CYS A 98 9.73 -6.58 4.14
N ARG A 99 10.69 -6.27 5.01
CA ARG A 99 10.40 -6.15 6.44
C ARG A 99 9.39 -5.02 6.69
N ALA A 100 9.56 -3.89 6.01
CA ALA A 100 8.59 -2.79 6.08
C ALA A 100 7.21 -3.27 5.66
N GLY A 101 7.15 -3.97 4.53
CA GLY A 101 5.88 -4.47 4.02
C GLY A 101 5.17 -5.41 4.97
N VAL A 102 5.89 -6.42 5.44
CA VAL A 102 5.26 -7.42 6.28
C VAL A 102 4.85 -6.84 7.65
N ARG A 103 5.65 -5.94 8.21
CA ARG A 103 5.27 -5.34 9.50
C ARG A 103 4.00 -4.48 9.37
N ILE A 104 3.84 -3.79 8.25
CA ILE A 104 2.63 -3.00 8.02
C ILE A 104 1.41 -3.91 7.86
N CYS A 105 1.54 -5.00 7.11
CA CYS A 105 0.44 -5.97 7.03
C CYS A 105 0.04 -6.50 8.41
N GLN A 106 1.02 -6.86 9.21
CA GLN A 106 0.78 -7.35 10.58
C GLN A 106 0.08 -6.32 11.48
N LEU A 107 0.52 -5.07 11.42
CA LEU A 107 -0.14 -3.98 12.16
C LEU A 107 -1.63 -3.80 11.79
N VAL A 108 -1.92 -3.82 10.49
CA VAL A 108 -3.30 -3.71 10.02
C VAL A 108 -4.15 -4.82 10.66
N ASP A 109 -3.63 -6.04 10.66
CA ASP A 109 -4.35 -7.22 11.18
C ASP A 109 -4.60 -7.09 12.67
N ASN A 110 -3.71 -6.39 13.38
CA ASN A 110 -3.75 -6.33 14.83
C ASN A 110 -4.40 -5.09 15.43
N HIS A 111 -4.95 -4.22 14.58
CA HIS A 111 -5.61 -3.00 15.04
C HIS A 111 -6.97 -2.85 14.42
N ALA A 112 -7.99 -3.15 15.21
CA ALA A 112 -9.37 -3.06 14.73
C ALA A 112 -9.71 -1.61 14.47
N ILE A 113 -10.70 -1.39 13.61
CA ILE A 113 -11.18 -0.07 13.31
C ILE A 113 -12.46 0.18 14.12
N THR A 114 -12.37 1.16 15.02
CA THR A 114 -13.51 1.54 15.85
C THR A 114 -14.51 2.33 15.00
N HIS A 115 -15.79 2.00 15.17
CA HIS A 115 -16.87 2.77 14.59
C HIS A 115 -17.98 2.87 15.63
N SER A 116 -19.02 3.64 15.32
CA SER A 116 -20.06 3.98 16.31
C SER A 116 -20.76 2.78 16.94
N GLU A 117 -20.91 1.70 16.16
CA GLU A 117 -21.67 0.52 16.58
C GLU A 117 -20.78 -0.67 16.90
N GLY A 118 -19.47 -0.47 16.93
CA GLY A 118 -18.56 -1.52 17.36
C GLY A 118 -17.17 -1.42 16.78
N HIS A 119 -16.66 -2.56 16.31
CA HIS A 119 -15.32 -2.64 15.77
C HIS A 119 -15.33 -3.52 14.53
N ILE A 120 -14.52 -3.17 13.56
CA ILE A 120 -14.36 -3.99 12.37
C ILE A 120 -12.90 -4.39 12.27
N ASN A 121 -12.67 -5.67 12.00
CA ASN A 121 -11.35 -6.21 11.79
C ASN A 121 -11.14 -6.28 10.28
N ILE A 122 -10.06 -5.68 9.80
CA ILE A 122 -9.70 -5.72 8.39
C ILE A 122 -8.30 -6.30 8.25
N THR A 123 -8.00 -6.78 7.05
CA THR A 123 -6.66 -7.16 6.68
C THR A 123 -6.34 -6.54 5.32
N VAL A 124 -5.06 -6.47 4.99
CA VAL A 124 -4.61 -6.08 3.66
C VAL A 124 -3.74 -7.16 3.04
N THR A 125 -3.70 -7.17 1.71
CA THR A 125 -2.70 -7.92 0.98
C THR A 125 -1.81 -6.89 0.32
N ALA A 126 -0.49 -7.12 0.42
CA ALA A 126 0.50 -6.20 -0.09
C ALA A 126 1.40 -6.86 -1.11
N GLY A 127 1.77 -6.11 -2.14
CA GLY A 127 2.80 -6.52 -3.08
C GLY A 127 3.88 -5.47 -3.10
N VAL A 128 5.14 -5.92 -3.09
CA VAL A 128 6.30 -5.02 -3.11
C VAL A 128 7.19 -5.32 -4.31
N SER A 129 7.61 -4.27 -4.99
CA SER A 129 8.54 -4.40 -6.11
C SER A 129 9.65 -3.37 -5.96
N ARG A 130 10.86 -3.75 -6.37
CA ARG A 130 11.96 -2.79 -6.58
C ARG A 130 11.61 -1.92 -7.79
N ALA A 131 11.89 -0.61 -7.73
CA ALA A 131 11.87 0.26 -8.91
C ALA A 131 13.31 0.37 -9.42
N PHE A 132 13.57 -0.12 -10.62
CA PHE A 132 14.91 -0.04 -11.19
C PHE A 132 15.11 1.33 -11.86
N PRO A 133 16.36 1.80 -11.96
CA PRO A 133 16.53 3.14 -12.50
C PRO A 133 15.88 3.37 -13.86
N GLU A 134 15.27 4.54 -14.02
CA GLU A 134 14.58 4.98 -15.23
C GLU A 134 13.26 4.26 -15.57
N GLU A 135 12.82 3.33 -14.73
CA GLU A 135 11.57 2.64 -15.02
C GLU A 135 10.41 3.56 -14.74
N PRO A 136 9.40 3.55 -15.60
CA PRO A 136 8.20 4.34 -15.37
C PRO A 136 7.32 3.73 -14.29
N LEU A 137 6.52 4.57 -13.65
CA LEU A 137 5.64 4.14 -12.55
C LEU A 137 4.75 2.97 -12.94
N ASP A 138 4.17 2.98 -14.13
CA ASP A 138 3.24 1.92 -14.54
C ASP A 138 3.87 0.53 -14.53
N VAL A 139 5.15 0.45 -14.89
CA VAL A 139 5.91 -0.80 -14.85
C VAL A 139 6.11 -1.26 -13.39
N VAL A 140 6.51 -0.32 -12.53
CA VAL A 140 6.75 -0.65 -11.11
C VAL A 140 5.42 -1.10 -10.43
N ILE A 141 4.35 -0.35 -10.65
CA ILE A 141 3.05 -0.71 -10.09
C ILE A 141 2.57 -2.03 -10.69
N GLY A 142 2.77 -2.22 -11.98
CA GLY A 142 2.44 -3.49 -12.66
C GLY A 142 3.04 -4.71 -12.01
N ARG A 143 4.31 -4.61 -11.65
CA ARG A 143 4.99 -5.72 -11.00
C ARG A 143 4.50 -5.91 -9.57
N ALA A 144 4.34 -4.83 -8.82
CA ALA A 144 3.77 -4.92 -7.47
C ALA A 144 2.36 -5.52 -7.52
N ASP A 145 1.60 -5.16 -8.56
CA ASP A 145 0.23 -5.67 -8.76
CA ASP A 145 0.24 -5.67 -8.73
C ASP A 145 0.24 -7.20 -8.93
N ARG A 146 1.21 -7.72 -9.68
CA ARG A 146 1.35 -9.17 -9.84
C ARG A 146 1.61 -9.86 -8.49
N ALA A 147 2.48 -9.26 -7.69
CA ALA A 147 2.81 -9.81 -6.38
C ALA A 147 1.58 -9.80 -5.48
N MET A 148 0.88 -8.67 -5.46
CA MET A 148 -0.31 -8.50 -4.63
C MET A 148 -1.38 -9.50 -5.03
N TYR A 149 -1.57 -9.66 -6.33
CA TYR A 149 -2.58 -10.60 -6.81
C TYR A 149 -2.30 -12.02 -6.33
N GLU A 150 -1.05 -12.44 -6.41
CA GLU A 150 -0.69 -13.76 -5.94
C GLU A 150 -0.95 -13.89 -4.43
N GLY A 151 -0.78 -12.80 -3.70
CA GLY A 151 -1.14 -12.74 -2.29
C GLY A 151 -2.62 -12.99 -2.06
N LYS A 152 -3.48 -12.40 -2.89
CA LYS A 152 -4.91 -12.61 -2.77
C LYS A 152 -5.26 -14.07 -3.09
N GLN A 153 -4.63 -14.60 -4.14
CA GLN A 153 -4.81 -16.00 -4.56
C GLN A 153 -4.44 -17.05 -3.51
N THR A 154 -3.47 -16.72 -2.66
CA THR A 154 -2.87 -17.70 -1.77
C THR A 154 -3.27 -17.48 -0.32
N GLY A 155 -4.19 -16.55 -0.06
CA GLY A 155 -4.81 -16.49 1.26
C GLY A 155 -5.08 -15.14 1.87
N ARG A 156 -4.56 -14.07 1.26
CA ARG A 156 -4.75 -12.69 1.75
CA ARG A 156 -4.74 -12.70 1.74
C ARG A 156 -4.02 -12.46 3.08
N ASN A 157 -4.16 -11.27 3.66
CA ASN A 157 -3.52 -10.94 4.95
C ASN A 157 -2.02 -11.31 4.92
N ARG A 158 -1.32 -10.84 3.89
CA ARG A 158 0.08 -11.18 3.70
C ARG A 158 0.76 -10.18 2.78
N CYS A 159 2.09 -10.19 2.84
CA CYS A 159 2.93 -9.35 1.99
C CYS A 159 3.75 -10.24 1.06
N MET A 160 3.74 -9.87 -0.21
CA MET A 160 4.39 -10.62 -1.27
C MET A 160 5.45 -9.74 -1.91
N PHE A 161 6.55 -10.36 -2.33
CA PHE A 161 7.65 -9.68 -3.02
C PHE A 161 7.88 -10.30 -4.39
N ILE A 162 7.99 -9.46 -5.40
CA ILE A 162 8.41 -9.91 -6.72
C ILE A 162 9.88 -9.49 -6.89
N ASP A 163 10.72 -10.47 -7.19
CA ASP A 163 12.16 -10.27 -7.18
C ASP A 163 12.71 -9.92 -8.57
N GLU A 164 14.03 -9.86 -8.68
CA GLU A 164 14.72 -9.45 -9.91
C GLU A 164 14.55 -10.46 -11.06
N GLN A 165 14.14 -11.68 -10.73
CA GLN A 165 13.79 -12.71 -11.70
C GLN A 165 12.29 -12.68 -12.03
N ASN A 166 11.59 -11.67 -11.51
CA ASN A 166 10.13 -11.56 -11.64
C ASN A 166 9.38 -12.78 -11.12
N VAL A 167 9.93 -13.39 -10.08
CA VAL A 167 9.33 -14.50 -9.37
C VAL A 167 8.81 -13.97 -8.05
N ILE A 168 7.62 -14.44 -7.68
CA ILE A 168 6.91 -13.95 -6.50
C ILE A 168 7.07 -14.91 -5.34
N ASN A 169 7.35 -14.35 -4.16
CA ASN A 169 7.37 -15.12 -2.92
CA ASN A 169 7.38 -15.12 -2.91
C ASN A 169 6.67 -14.37 -1.79
N ARG A 170 6.10 -15.11 -0.85
CA ARG A 170 5.55 -14.48 0.34
C ARG A 170 6.71 -14.06 1.25
N VAL A 171 6.55 -12.90 1.89
CA VAL A 171 7.50 -12.43 2.89
C VAL A 171 7.06 -12.91 4.25
N LEU A 172 7.97 -13.58 4.95
CA LEU A 172 7.67 -14.09 6.30
C LEU A 172 8.26 -13.14 7.35
#